data_6U30
#
_entry.id   6U30
#
_cell.length_a   44.390
_cell.length_b   51.460
_cell.length_c   78.820
_cell.angle_alpha   90.000
_cell.angle_beta   92.110
_cell.angle_gamma   90.000
#
_symmetry.space_group_name_H-M   'P 1 21 1'
#
loop_
_entity.id
_entity.type
_entity.pdbx_description
1 polymer 'Cytochrome P450'
2 non-polymer '4-(pyridin-3-yl)benzoic acid'
3 non-polymer 'PROTOPORPHYRIN IX CONTAINING FE'
4 non-polymer 'CHLORIDE ION'
5 non-polymer 'ACETATE ION'
6 water water
#
_entity_poly.entity_id   1
_entity_poly.type   'polypeptide(L)'
_entity_poly.pdbx_seq_one_letter_code
;MISNSSAESISAPPNDSTIPHLAIDPFSLDFFDDPYPDQQTLRDAGPVVYLDKWNVYGVARYAEVHAVLNDPTTFCSSRG
VGLSDFKKEKPWRPPSLILEADPPAHTRPRAVLSKVLSPATMKTIRDGFAAAADAKVDELLQRGCIDAIADLAEAYPLSV
FPDAMGLKQEGREHLLPYAGLVFNAFGPPNELRQTAIERSAPHQAYVNEQCQRPNLAPGGFGACIHAFTDTGEITPDEAP
LLVRSLLSAGLDTTVNGIGAAVYCLARFPGELQRLRSDPTLARNAFEEAVRFESPVQTFFRTTTREVELGGAVIGEGEKV
LMFLGSANRDPRRWSDPDLYDITRKTSGHVGFGSGVHMCVGQLVARLEGEVMLSALARKVAAIDIDGPVKRRFNNTLRGL
ESLPVKLTPA
;
_entity_poly.pdbx_strand_id   A
#
# COMPACT_ATOMS: atom_id res chain seq x y z
N THR A 18 -9.70 9.50 -31.30
CA THR A 18 -8.69 10.22 -30.53
C THR A 18 -8.10 9.34 -29.43
N ILE A 19 -8.97 8.77 -28.60
CA ILE A 19 -8.51 7.96 -27.48
C ILE A 19 -8.46 6.50 -27.92
N PRO A 20 -7.33 5.82 -27.76
CA PRO A 20 -7.27 4.41 -28.12
C PRO A 20 -8.07 3.56 -27.15
N HIS A 21 -8.77 2.58 -27.69
CA HIS A 21 -9.52 1.60 -26.92
C HIS A 21 -8.73 0.30 -26.81
N LEU A 22 -8.54 -0.18 -25.60
CA LEU A 22 -7.81 -1.41 -25.39
C LEU A 22 -8.66 -2.44 -24.65
N ALA A 23 -8.38 -3.70 -24.90
CA ALA A 23 -9.10 -4.81 -24.29
C ALA A 23 -8.35 -5.43 -23.13
N ILE A 24 -7.16 -4.89 -22.79
CA ILE A 24 -6.42 -5.34 -21.62
C ILE A 24 -7.31 -5.24 -20.38
N ASP A 25 -7.37 -6.34 -19.62
CA ASP A 25 -8.00 -6.35 -18.30
C ASP A 25 -6.91 -6.26 -17.24
N PRO A 26 -6.70 -5.08 -16.63
CA PRO A 26 -5.65 -4.94 -15.62
C PRO A 26 -6.00 -5.61 -14.29
N PHE A 27 -7.18 -6.23 -14.18
CA PHE A 27 -7.54 -7.00 -12.99
C PHE A 27 -7.61 -8.48 -13.25
N SER A 28 -7.03 -8.95 -14.36
CA SER A 28 -7.04 -10.37 -14.70
C SER A 28 -5.81 -11.07 -14.11
N LEU A 29 -5.96 -12.38 -13.84
CA LEU A 29 -4.83 -13.10 -13.26
C LEU A 29 -3.62 -13.09 -14.20
N ASP A 30 -3.84 -13.19 -15.53
CA ASP A 30 -2.72 -13.13 -16.45
C ASP A 30 -1.96 -11.81 -16.31
N PHE A 31 -2.69 -10.71 -16.12
CA PHE A 31 -2.05 -9.41 -15.97
C PHE A 31 -1.27 -9.36 -14.66
N PHE A 32 -1.89 -9.79 -13.55
CA PHE A 32 -1.17 -9.80 -12.27
C PHE A 32 0.09 -10.65 -12.37
N ASP A 33 0.02 -11.77 -13.11
CA ASP A 33 1.16 -12.68 -13.15
C ASP A 33 2.39 -12.04 -13.78
N ASP A 34 2.20 -11.14 -14.74
CA ASP A 34 3.31 -10.39 -15.30
C ASP A 34 2.76 -9.13 -15.94
N PRO A 35 2.69 -8.04 -15.20
CA PRO A 35 2.03 -6.83 -15.72
C PRO A 35 2.88 -5.97 -16.63
N TYR A 36 4.18 -6.27 -16.80
CA TYR A 36 5.05 -5.26 -17.37
C TYR A 36 4.85 -5.07 -18.88
N PRO A 37 4.65 -6.12 -19.67
CA PRO A 37 4.38 -5.88 -21.09
C PRO A 37 3.09 -5.11 -21.29
N ASP A 38 2.03 -5.50 -20.58
CA ASP A 38 0.77 -4.78 -20.71
C ASP A 38 0.86 -3.33 -20.24
N GLN A 39 1.67 -3.07 -19.18
CA GLN A 39 1.84 -1.70 -18.74
C GLN A 39 2.55 -0.87 -19.80
N GLN A 40 3.57 -1.43 -20.47
CA GLN A 40 4.19 -0.69 -21.56
C GLN A 40 3.19 -0.43 -22.68
N THR A 41 2.37 -1.43 -22.99
CA THR A 41 1.35 -1.24 -24.03
C THR A 41 0.41 -0.10 -23.68
N LEU A 42 0.02 -0.01 -22.39
CA LEU A 42 -0.86 1.06 -21.92
C LEU A 42 -0.19 2.43 -22.00
N ARG A 43 1.10 2.50 -21.65
CA ARG A 43 1.80 3.78 -21.75
C ARG A 43 1.95 4.19 -23.20
N ASP A 44 2.37 3.24 -24.05
CA ASP A 44 2.74 3.62 -25.41
C ASP A 44 1.53 3.83 -26.30
N ALA A 45 0.34 3.34 -25.87
CA ALA A 45 -0.85 3.56 -26.67
C ALA A 45 -1.25 5.03 -26.71
N GLY A 46 -0.92 5.79 -25.66
CA GLY A 46 -1.21 7.20 -25.58
C GLY A 46 -1.26 7.65 -24.14
N PRO A 47 -1.32 8.97 -23.91
CA PRO A 47 -1.41 9.47 -22.53
C PRO A 47 -2.72 9.11 -21.85
N VAL A 48 -3.80 8.89 -22.60
CA VAL A 48 -5.08 8.49 -22.02
C VAL A 48 -5.64 7.37 -22.88
N VAL A 49 -6.04 6.27 -22.25
CA VAL A 49 -6.63 5.14 -22.96
C VAL A 49 -8.03 4.92 -22.41
N TYR A 50 -8.83 4.17 -23.17
CA TYR A 50 -10.13 3.71 -22.69
C TYR A 50 -10.08 2.19 -22.59
N LEU A 51 -10.42 1.67 -21.40
CA LEU A 51 -10.40 0.22 -21.15
C LEU A 51 -11.81 -0.31 -21.35
N ASP A 52 -12.03 -0.92 -22.52
CA ASP A 52 -13.36 -1.41 -22.90
C ASP A 52 -13.88 -2.47 -21.93
N LYS A 53 -12.98 -3.22 -21.27
CA LYS A 53 -13.40 -4.31 -20.41
C LYS A 53 -14.26 -3.80 -19.26
N TRP A 54 -13.96 -2.61 -18.75
CA TRP A 54 -14.63 -2.10 -17.55
C TRP A 54 -15.24 -0.72 -17.75
N ASN A 55 -15.13 -0.13 -18.95
CA ASN A 55 -15.70 1.19 -19.23
C ASN A 55 -15.12 2.25 -18.30
N VAL A 56 -13.77 2.31 -18.25
CA VAL A 56 -13.09 3.36 -17.52
C VAL A 56 -11.97 3.91 -18.39
N TYR A 57 -11.60 5.15 -18.13
CA TYR A 57 -10.37 5.68 -18.68
C TYR A 57 -9.18 5.17 -17.88
N GLY A 58 -8.02 5.08 -18.55
CA GLY A 58 -6.78 4.75 -17.87
C GLY A 58 -5.67 5.71 -18.19
N VAL A 59 -4.79 5.93 -17.18
CA VAL A 59 -3.56 6.68 -17.40
C VAL A 59 -2.41 5.89 -16.80
N ALA A 60 -1.39 5.58 -17.62
CA ALA A 60 -0.28 4.73 -17.19
C ALA A 60 1.09 5.40 -17.24
N ARG A 61 1.19 6.60 -17.81
CA ARG A 61 2.43 7.36 -17.79
C ARG A 61 2.54 8.18 -16.50
N TYR A 62 3.79 8.45 -16.11
CA TYR A 62 4.07 9.23 -14.91
C TYR A 62 3.39 10.60 -14.99
N ALA A 63 3.56 11.31 -16.12
CA ALA A 63 3.04 12.69 -16.18
C ALA A 63 1.54 12.75 -15.88
N GLU A 64 0.74 11.89 -16.52
CA GLU A 64 -0.71 11.99 -16.32
C GLU A 64 -1.15 11.44 -14.96
N VAL A 65 -0.51 10.37 -14.47
CA VAL A 65 -0.81 9.91 -13.11
C VAL A 65 -0.53 11.02 -12.10
N HIS A 66 0.63 11.68 -12.21
CA HIS A 66 0.95 12.77 -11.29
C HIS A 66 -0.07 13.90 -11.42
N ALA A 67 -0.48 14.22 -12.65
CA ALA A 67 -1.42 15.32 -12.83
C ALA A 67 -2.77 14.98 -12.21
N VAL A 68 -3.24 13.75 -12.40
CA VAL A 68 -4.54 13.39 -11.85
C VAL A 68 -4.50 13.42 -10.32
N LEU A 69 -3.46 12.80 -9.71
CA LEU A 69 -3.36 12.82 -8.25
C LEU A 69 -3.40 14.22 -7.70
N ASN A 70 -2.82 15.19 -8.43
CA ASN A 70 -2.65 16.53 -7.90
C ASN A 70 -3.76 17.48 -8.29
N ASP A 71 -4.86 16.99 -8.83
CA ASP A 71 -6.05 17.81 -9.05
C ASP A 71 -7.23 17.08 -8.41
N PRO A 72 -7.37 17.17 -7.09
CA PRO A 72 -8.47 16.46 -6.41
C PRO A 72 -9.83 17.07 -6.66
N THR A 73 -9.89 18.32 -7.11
CA THR A 73 -11.18 18.94 -7.39
C THR A 73 -11.81 18.30 -8.62
N THR A 74 -11.03 18.16 -9.69
CA THR A 74 -11.53 17.58 -10.92
C THR A 74 -11.64 16.06 -10.82
N PHE A 75 -10.63 15.43 -10.21
CA PHE A 75 -10.55 13.98 -10.10
C PHE A 75 -10.77 13.63 -8.63
N CYS A 76 -12.03 13.48 -8.25
CA CYS A 76 -12.36 13.41 -6.85
C CYS A 76 -12.27 11.97 -6.30
N SER A 77 -12.28 11.88 -4.97
CA SER A 77 -12.23 10.61 -4.25
C SER A 77 -13.53 10.24 -3.55
N SER A 78 -14.48 11.18 -3.41
CA SER A 78 -15.69 10.91 -2.63
C SER A 78 -16.71 10.07 -3.41
N ARG A 79 -16.51 9.85 -4.71
CA ARG A 79 -17.31 8.84 -5.40
C ARG A 79 -16.60 7.49 -5.45
N GLY A 80 -15.58 7.31 -4.60
CA GLY A 80 -14.92 6.01 -4.44
C GLY A 80 -13.61 6.00 -5.19
N VAL A 81 -12.60 5.34 -4.63
CA VAL A 81 -11.31 5.17 -5.31
C VAL A 81 -11.15 3.76 -5.87
N GLY A 82 -12.24 2.97 -5.85
CA GLY A 82 -12.33 1.74 -6.60
C GLY A 82 -13.19 1.93 -7.85
N LEU A 83 -13.51 0.81 -8.50
CA LEU A 83 -14.24 0.93 -9.77
C LEU A 83 -15.64 1.46 -9.52
N SER A 84 -16.25 1.04 -8.43
CA SER A 84 -17.63 1.42 -8.15
C SER A 84 -17.77 2.93 -7.92
N ASP A 85 -18.85 3.50 -8.47
CA ASP A 85 -19.12 4.94 -8.34
C ASP A 85 -20.18 5.08 -7.26
N PHE A 86 -19.82 5.69 -6.13
CA PHE A 86 -20.74 5.76 -4.99
C PHE A 86 -21.98 6.57 -5.32
N LYS A 87 -21.95 7.34 -6.40
CA LYS A 87 -23.12 8.07 -6.86
C LYS A 87 -24.13 7.15 -7.55
N LYS A 88 -23.68 5.98 -8.01
CA LYS A 88 -24.49 4.99 -8.72
C LYS A 88 -24.80 3.75 -7.88
N GLU A 89 -23.86 3.28 -7.06
CA GLU A 89 -24.05 2.06 -6.28
C GLU A 89 -23.80 2.35 -4.81
N LYS A 90 -24.30 1.47 -3.98
CA LYS A 90 -24.03 1.62 -2.55
C LYS A 90 -22.64 1.07 -2.26
N PRO A 91 -21.83 1.77 -1.46
CA PRO A 91 -20.51 1.21 -1.10
C PRO A 91 -20.69 -0.05 -0.27
N TRP A 92 -19.72 -0.96 -0.36
CA TRP A 92 -19.86 -2.24 0.31
C TRP A 92 -19.79 -2.09 1.84
N ARG A 93 -19.23 -0.99 2.31
CA ARG A 93 -19.26 -0.62 3.72
C ARG A 93 -19.38 0.90 3.80
N PRO A 94 -19.71 1.48 4.95
CA PRO A 94 -19.80 2.95 5.03
C PRO A 94 -18.50 3.57 4.56
N PRO A 95 -18.58 4.68 3.82
CA PRO A 95 -17.38 5.23 3.20
C PRO A 95 -16.37 5.67 4.25
N SER A 96 -15.12 5.51 3.89
CA SER A 96 -14.02 6.04 4.67
C SER A 96 -14.08 7.57 4.79
N LEU A 97 -13.79 8.07 6.00
CA LEU A 97 -13.81 9.51 6.23
C LEU A 97 -12.56 10.21 5.71
N ILE A 98 -11.56 9.45 5.23
CA ILE A 98 -10.34 10.10 4.75
C ILE A 98 -10.04 9.71 3.30
N LEU A 99 -9.92 8.41 3.03
CA LEU A 99 -9.56 7.96 1.68
C LEU A 99 -10.66 8.28 0.67
N GLU A 100 -11.92 8.21 1.09
CA GLU A 100 -13.08 8.37 0.22
C GLU A 100 -13.81 9.69 0.50
N ALA A 101 -13.06 10.71 0.90
CA ALA A 101 -13.55 12.06 1.12
C ALA A 101 -12.72 13.05 0.31
N ASP A 102 -13.34 14.15 -0.04
CA ASP A 102 -12.69 15.28 -0.70
C ASP A 102 -12.55 16.44 0.26
N PRO A 103 -11.62 17.35 0.00
CA PRO A 103 -11.64 18.63 0.74
C PRO A 103 -12.98 19.31 0.51
N PRO A 104 -13.54 19.97 1.53
CA PRO A 104 -12.92 20.15 2.85
C PRO A 104 -13.21 19.06 3.88
N ALA A 105 -14.18 18.18 3.64
CA ALA A 105 -14.48 17.15 4.63
C ALA A 105 -13.27 16.28 4.95
N HIS A 106 -12.39 16.09 3.97
CA HIS A 106 -11.18 15.30 4.16
C HIS A 106 -10.18 15.91 5.15
N THR A 107 -10.15 17.24 5.25
CA THR A 107 -9.01 17.96 5.81
C THR A 107 -8.78 17.63 7.29
N ARG A 108 -9.82 17.71 8.11
CA ARG A 108 -9.56 17.54 9.52
C ARG A 108 -9.32 16.08 9.92
N PRO A 109 -10.04 15.10 9.34
CA PRO A 109 -9.68 13.70 9.61
C PRO A 109 -8.25 13.41 9.23
N ARG A 110 -7.80 13.95 8.09
CA ARG A 110 -6.41 13.81 7.66
C ARG A 110 -5.45 14.42 8.67
N ALA A 111 -5.79 15.61 9.17
CA ALA A 111 -4.94 16.24 10.16
C ALA A 111 -4.79 15.38 11.40
N VAL A 112 -5.87 14.74 11.84
CA VAL A 112 -5.82 13.89 13.02
C VAL A 112 -4.92 12.68 12.80
N LEU A 113 -5.14 11.94 11.69
CA LEU A 113 -4.26 10.80 11.45
C LEU A 113 -2.80 11.23 11.28
N SER A 114 -2.55 12.42 10.74
CA SER A 114 -1.19 12.92 10.62
C SER A 114 -0.55 13.10 12.00
N LYS A 115 -1.33 13.61 12.95
CA LYS A 115 -0.78 13.80 14.29
C LYS A 115 -0.66 12.49 15.05
N VAL A 116 -1.56 11.55 14.78
CA VAL A 116 -1.48 10.24 15.41
C VAL A 116 -0.25 9.49 14.92
N LEU A 117 0.01 9.57 13.62
CA LEU A 117 1.13 8.85 13.01
C LEU A 117 2.29 9.78 12.70
N SER A 118 2.61 10.60 13.71
CA SER A 118 3.55 11.70 13.60
C SER A 118 4.99 11.27 13.84
N PRO A 119 5.92 12.14 13.51
CA PRO A 119 7.31 11.98 13.99
C PRO A 119 7.44 11.65 15.46
N ALA A 120 6.66 12.31 16.34
CA ALA A 120 6.80 12.02 17.77
C ALA A 120 6.33 10.62 18.09
N THR A 121 5.25 10.16 17.42
CA THR A 121 4.86 8.78 17.63
C THR A 121 5.96 7.84 17.16
N MET A 122 6.59 8.18 16.03
CA MET A 122 7.63 7.31 15.49
C MET A 122 8.79 7.23 16.48
N LYS A 123 9.12 8.36 17.09
CA LYS A 123 10.17 8.34 18.11
C LYS A 123 9.79 7.44 19.28
N THR A 124 8.50 7.39 19.64
N THR A 124 8.50 7.41 19.66
CA THR A 124 8.11 6.55 20.79
CA THR A 124 8.09 6.55 20.76
C THR A 124 8.13 5.06 20.44
C THR A 124 8.23 5.06 20.43
N ILE A 125 7.97 4.68 19.18
CA ILE A 125 7.87 3.25 18.84
C ILE A 125 9.12 2.70 18.17
N ARG A 126 10.05 3.54 17.73
CA ARG A 126 11.18 3.09 16.89
C ARG A 126 12.03 2.03 17.60
N ASP A 127 12.37 2.23 18.87
N ASP A 127 12.38 2.25 18.87
CA ASP A 127 13.28 1.28 19.49
CA ASP A 127 13.26 1.28 19.52
C ASP A 127 12.65 -0.11 19.59
C ASP A 127 12.63 -0.10 19.55
N GLY A 128 11.35 -0.18 19.88
CA GLY A 128 10.67 -1.47 19.95
C GLY A 128 10.48 -2.10 18.58
N PHE A 129 10.23 -1.27 17.57
CA PHE A 129 10.10 -1.81 16.22
C PHE A 129 11.43 -2.39 15.73
N ALA A 130 12.52 -1.68 16.02
CA ALA A 130 13.85 -2.16 15.63
C ALA A 130 14.22 -3.45 16.38
N ALA A 131 14.00 -3.49 17.71
CA ALA A 131 14.29 -4.72 18.45
C ALA A 131 13.52 -5.90 17.90
N ALA A 132 12.24 -5.71 17.56
CA ALA A 132 11.44 -6.79 17.02
C ALA A 132 11.96 -7.25 15.66
N ALA A 133 12.50 -6.32 14.87
CA ALA A 133 13.07 -6.67 13.56
C ALA A 133 14.35 -7.48 13.73
N ASP A 134 15.24 -7.02 14.62
CA ASP A 134 16.47 -7.77 14.86
C ASP A 134 16.14 -9.16 15.40
N ALA A 135 15.15 -9.24 16.29
CA ALA A 135 14.80 -10.52 16.89
C ALA A 135 14.28 -11.49 15.85
N LYS A 136 13.42 -11.00 14.94
CA LYS A 136 12.87 -11.86 13.90
C LYS A 136 13.97 -12.40 12.99
N VAL A 137 14.88 -11.54 12.54
CA VAL A 137 15.97 -12.02 11.67
C VAL A 137 16.85 -13.05 12.41
N ASP A 138 17.17 -12.80 13.68
CA ASP A 138 17.95 -13.80 14.42
C ASP A 138 17.22 -15.13 14.47
N GLU A 139 15.91 -15.07 14.73
CA GLU A 139 15.08 -16.28 14.76
C GLU A 139 15.10 -16.98 13.42
N LEU A 140 14.96 -16.22 12.33
CA LEU A 140 14.94 -16.82 11.00
C LEU A 140 16.28 -17.44 10.65
N LEU A 141 17.38 -16.81 11.08
CA LEU A 141 18.71 -17.38 10.84
C LEU A 141 18.89 -18.73 11.54
N GLN A 142 18.21 -18.95 12.67
CA GLN A 142 18.31 -20.26 13.32
C GLN A 142 17.65 -21.35 12.50
N ARG A 143 16.64 -21.01 11.68
CA ARG A 143 15.99 -21.98 10.81
C ARG A 143 16.70 -22.13 9.46
N GLY A 144 17.33 -21.07 8.95
CA GLY A 144 18.06 -21.14 7.71
C GLY A 144 17.14 -20.99 6.52
N CYS A 145 16.31 -22.00 6.29
CA CYS A 145 15.38 -22.02 5.17
C CYS A 145 13.99 -21.62 5.68
N ILE A 146 13.47 -20.50 5.16
CA ILE A 146 12.22 -19.94 5.65
C ILE A 146 11.38 -19.52 4.44
N ASP A 147 10.14 -19.12 4.73
CA ASP A 147 9.27 -18.52 3.73
C ASP A 147 9.28 -17.02 4.01
N ALA A 148 9.88 -16.25 3.11
CA ALA A 148 10.00 -14.81 3.37
C ALA A 148 8.65 -14.09 3.42
N ILE A 149 7.56 -14.73 2.97
CA ILE A 149 6.24 -14.10 3.13
C ILE A 149 5.72 -14.43 4.52
N ALA A 150 5.23 -15.65 4.75
CA ALA A 150 4.63 -15.96 6.05
C ALA A 150 5.57 -15.64 7.22
N ASP A 151 6.84 -16.00 7.07
CA ASP A 151 7.75 -15.99 8.21
C ASP A 151 8.42 -14.65 8.45
N LEU A 152 8.29 -13.70 7.52
CA LEU A 152 9.03 -12.45 7.63
C LEU A 152 8.12 -11.29 7.25
N ALA A 153 7.70 -11.22 5.97
CA ALA A 153 6.86 -10.11 5.52
C ALA A 153 5.54 -10.05 6.30
N GLU A 154 4.97 -11.21 6.64
CA GLU A 154 3.75 -11.21 7.45
C GLU A 154 4.07 -11.23 8.95
N ALA A 155 4.99 -12.10 9.39
CA ALA A 155 5.22 -12.27 10.82
C ALA A 155 5.74 -11.00 11.46
N TYR A 156 6.63 -10.26 10.78
CA TYR A 156 7.17 -9.08 11.45
C TYR A 156 6.11 -8.00 11.65
N PRO A 157 5.34 -7.57 10.64
CA PRO A 157 4.27 -6.60 10.92
C PRO A 157 3.25 -7.13 11.93
N LEU A 158 2.93 -8.42 11.89
CA LEU A 158 2.02 -8.95 12.91
C LEU A 158 2.61 -8.82 14.32
N SER A 159 3.93 -8.86 14.45
CA SER A 159 4.56 -8.77 15.77
C SER A 159 4.61 -7.34 16.32
N VAL A 160 4.42 -6.30 15.50
CA VAL A 160 4.52 -4.92 15.98
C VAL A 160 3.24 -4.12 15.78
N PHE A 161 2.51 -4.31 14.67
CA PHE A 161 1.50 -3.30 14.34
C PHE A 161 0.26 -3.47 15.21
N PRO A 162 -0.28 -4.69 15.37
CA PRO A 162 -1.47 -4.84 16.23
C PRO A 162 -1.22 -4.32 17.64
N ASP A 163 -0.04 -4.56 18.18
CA ASP A 163 0.29 -4.03 19.50
C ASP A 163 0.38 -2.49 19.47
N ALA A 164 1.00 -1.93 18.42
CA ALA A 164 1.05 -0.47 18.34
C ALA A 164 -0.34 0.15 18.19
N MET A 165 -1.29 -0.57 17.59
CA MET A 165 -2.68 -0.12 17.51
C MET A 165 -3.36 -0.14 18.87
N GLY A 166 -2.89 -1.00 19.78
CA GLY A 166 -3.58 -1.27 21.03
C GLY A 166 -4.64 -2.35 20.96
N LEU A 167 -4.55 -3.27 20.01
CA LEU A 167 -5.53 -4.35 19.89
C LEU A 167 -5.32 -5.43 20.93
N LYS A 168 -6.41 -6.04 21.39
CA LYS A 168 -6.28 -7.25 22.18
C LYS A 168 -5.64 -8.35 21.33
N GLN A 169 -5.23 -9.43 22.01
CA GLN A 169 -4.63 -10.57 21.31
C GLN A 169 -5.68 -11.36 20.54
N GLU A 170 -6.82 -11.63 21.17
CA GLU A 170 -7.83 -12.47 20.54
C GLU A 170 -8.37 -11.83 19.27
N GLY A 171 -8.46 -12.62 18.20
CA GLY A 171 -9.08 -12.17 16.97
C GLY A 171 -8.15 -11.57 15.94
N ARG A 172 -6.85 -11.47 16.21
CA ARG A 172 -5.95 -10.82 15.26
C ARG A 172 -5.89 -11.57 13.94
N GLU A 173 -6.21 -12.86 13.94
CA GLU A 173 -6.26 -13.64 12.71
C GLU A 173 -7.26 -13.08 11.70
N HIS A 174 -8.17 -12.19 12.12
CA HIS A 174 -9.09 -11.53 11.17
C HIS A 174 -8.42 -10.39 10.39
N LEU A 175 -7.26 -9.90 10.82
CA LEU A 175 -6.76 -8.63 10.27
C LEU A 175 -6.33 -8.79 8.82
N LEU A 176 -5.52 -9.83 8.50
CA LEU A 176 -5.06 -9.97 7.12
C LEU A 176 -6.24 -10.32 6.19
N PRO A 177 -7.16 -11.20 6.60
CA PRO A 177 -8.34 -11.44 5.76
C PRO A 177 -9.17 -10.20 5.52
N TYR A 178 -9.34 -9.35 6.53
CA TYR A 178 -10.10 -8.12 6.31
C TYR A 178 -9.39 -7.20 5.33
N ALA A 179 -8.08 -7.04 5.48
CA ALA A 179 -7.33 -6.23 4.52
C ALA A 179 -7.46 -6.79 3.10
N GLY A 180 -7.36 -8.10 2.94
CA GLY A 180 -7.44 -8.66 1.61
C GLY A 180 -8.77 -8.32 0.98
N LEU A 181 -9.83 -8.35 1.80
CA LEU A 181 -11.17 -7.95 1.37
C LEU A 181 -11.21 -6.48 0.96
N VAL A 182 -10.71 -5.59 1.82
CA VAL A 182 -10.68 -4.15 1.49
C VAL A 182 -10.01 -3.93 0.14
N PHE A 183 -8.83 -4.53 -0.04
CA PHE A 183 -8.07 -4.26 -1.24
C PHE A 183 -8.68 -4.93 -2.47
N ASN A 184 -9.27 -6.12 -2.32
CA ASN A 184 -10.00 -6.70 -3.44
C ASN A 184 -11.24 -5.86 -3.80
N ALA A 185 -11.87 -5.22 -2.80
CA ALA A 185 -13.12 -4.52 -3.03
C ALA A 185 -12.93 -3.20 -3.79
N PHE A 186 -11.72 -2.64 -3.84
CA PHE A 186 -11.50 -1.53 -4.77
C PHE A 186 -11.60 -1.96 -6.23
N GLY A 187 -11.49 -3.26 -6.51
CA GLY A 187 -11.46 -3.74 -7.88
C GLY A 187 -12.84 -3.81 -8.51
N PRO A 188 -12.87 -4.26 -9.76
CA PRO A 188 -14.14 -4.49 -10.44
C PRO A 188 -14.83 -5.72 -9.86
N PRO A 189 -16.10 -5.93 -10.20
CA PRO A 189 -16.85 -7.08 -9.66
C PRO A 189 -16.47 -8.39 -10.33
N ASN A 190 -15.18 -8.74 -10.23
CA ASN A 190 -14.68 -10.01 -10.73
C ASN A 190 -14.78 -11.05 -9.60
N GLU A 191 -14.30 -12.26 -9.86
CA GLU A 191 -14.47 -13.29 -8.84
C GLU A 191 -13.65 -13.00 -7.58
N LEU A 192 -12.46 -12.42 -7.73
CA LEU A 192 -11.68 -12.03 -6.56
C LEU A 192 -12.49 -11.14 -5.63
N ARG A 193 -13.17 -10.14 -6.19
CA ARG A 193 -13.95 -9.24 -5.35
C ARG A 193 -15.18 -9.95 -4.80
N GLN A 194 -15.90 -10.65 -5.66
CA GLN A 194 -17.18 -11.17 -5.18
C GLN A 194 -16.98 -12.28 -4.16
N THR A 195 -15.91 -13.07 -4.31
CA THR A 195 -15.56 -14.07 -3.30
C THR A 195 -15.18 -13.41 -1.97
N ALA A 196 -14.40 -12.32 -2.02
CA ALA A 196 -14.00 -11.66 -0.78
C ALA A 196 -15.23 -11.16 -0.02
N ILE A 197 -16.15 -10.51 -0.73
CA ILE A 197 -17.31 -9.96 -0.06
C ILE A 197 -18.17 -11.09 0.51
N GLU A 198 -18.27 -12.20 -0.22
CA GLU A 198 -19.06 -13.33 0.27
C GLU A 198 -18.60 -13.79 1.65
N ARG A 199 -17.30 -13.73 1.91
CA ARG A 199 -16.71 -14.26 3.14
C ARG A 199 -16.48 -13.19 4.20
N SER A 200 -16.98 -11.97 3.99
CA SER A 200 -16.53 -10.82 4.75
C SER A 200 -17.14 -10.72 6.15
N ALA A 201 -18.33 -11.30 6.37
CA ALA A 201 -19.11 -10.88 7.53
C ALA A 201 -18.37 -11.03 8.86
N PRO A 202 -17.70 -12.16 9.16
CA PRO A 202 -16.98 -12.26 10.45
C PRO A 202 -15.82 -11.28 10.58
N HIS A 203 -15.12 -10.97 9.50
CA HIS A 203 -14.00 -10.04 9.58
C HIS A 203 -14.49 -8.62 9.81
N GLN A 204 -15.58 -8.22 9.13
CA GLN A 204 -16.17 -6.91 9.39
C GLN A 204 -16.61 -6.81 10.85
N ALA A 205 -17.24 -7.89 11.36
CA ALA A 205 -17.75 -7.82 12.72
C ALA A 205 -16.62 -7.63 13.72
N TYR A 206 -15.54 -8.38 13.56
CA TYR A 206 -14.39 -8.21 14.45
C TYR A 206 -13.82 -6.80 14.37
N VAL A 207 -13.56 -6.33 13.15
CA VAL A 207 -12.91 -5.03 12.97
C VAL A 207 -13.78 -3.92 13.55
N ASN A 208 -15.06 -3.92 13.17
CA ASN A 208 -15.92 -2.86 13.66
C ASN A 208 -15.92 -2.82 15.18
N GLU A 209 -15.88 -3.99 15.83
CA GLU A 209 -15.89 -4.00 17.30
C GLU A 209 -14.59 -3.44 17.89
N GLN A 210 -13.44 -3.75 17.30
CA GLN A 210 -12.19 -3.25 17.86
C GLN A 210 -12.04 -1.74 17.69
N CYS A 211 -12.88 -1.13 16.86
CA CYS A 211 -12.77 0.31 16.63
C CYS A 211 -13.37 1.14 17.76
N GLN A 212 -14.06 0.50 18.71
CA GLN A 212 -14.70 1.24 19.79
C GLN A 212 -13.69 1.54 20.89
N ARG A 213 -13.81 2.74 21.45
CA ARG A 213 -12.83 3.24 22.42
C ARG A 213 -12.47 2.26 23.54
N PRO A 214 -13.41 1.55 24.18
CA PRO A 214 -13.01 0.67 25.30
C PRO A 214 -12.12 -0.48 24.89
N ASN A 215 -12.07 -0.82 23.60
CA ASN A 215 -11.35 -2.00 23.14
C ASN A 215 -9.93 -1.69 22.66
N LEU A 216 -9.46 -0.45 22.84
CA LEU A 216 -8.18 0.02 22.30
C LEU A 216 -7.26 0.41 23.46
N ALA A 217 -6.13 -0.28 23.57
CA ALA A 217 -5.33 -0.15 24.79
C ALA A 217 -4.70 1.23 24.90
N PRO A 218 -4.52 1.72 26.13
CA PRO A 218 -3.95 3.07 26.33
C PRO A 218 -2.61 3.24 25.61
N GLY A 219 -2.43 4.41 25.01
CA GLY A 219 -1.17 4.77 24.40
C GLY A 219 -0.99 4.31 22.96
N GLY A 220 -1.86 3.43 22.46
CA GLY A 220 -1.76 2.96 21.09
C GLY A 220 -2.43 3.91 20.09
N PHE A 221 -2.30 3.58 18.80
CA PHE A 221 -2.78 4.49 17.76
C PHE A 221 -4.28 4.65 17.87
N GLY A 222 -4.98 3.58 18.25
CA GLY A 222 -6.44 3.64 18.33
C GLY A 222 -6.90 4.56 19.43
N ALA A 223 -6.31 4.42 20.62
CA ALA A 223 -6.64 5.29 21.73
C ALA A 223 -6.33 6.74 21.39
N CYS A 224 -5.23 6.97 20.67
CA CYS A 224 -4.85 8.33 20.30
CA CYS A 224 -4.88 8.35 20.33
C CYS A 224 -5.90 8.96 19.37
N ILE A 225 -6.43 8.19 18.43
CA ILE A 225 -7.49 8.73 17.58
C ILE A 225 -8.68 9.16 18.44
N HIS A 226 -9.12 8.29 19.34
CA HIS A 226 -10.25 8.65 20.21
C HIS A 226 -9.90 9.83 21.11
N ALA A 227 -8.62 10.00 21.45
CA ALA A 227 -8.24 11.14 22.29
C ALA A 227 -8.38 12.46 21.54
N PHE A 228 -8.36 12.44 20.21
CA PHE A 228 -8.40 13.65 19.40
C PHE A 228 -9.81 14.12 19.13
N THR A 229 -10.80 13.50 19.77
CA THR A 229 -12.20 13.80 19.48
C THR A 229 -12.73 14.99 20.28
N ASP A 230 -11.85 15.75 20.94
CA ASP A 230 -12.36 16.88 21.71
C ASP A 230 -11.72 18.19 21.28
N THR A 231 -11.02 18.18 20.16
CA THR A 231 -10.32 19.38 19.68
C THR A 231 -11.13 20.20 18.70
N GLY A 232 -12.30 19.68 18.25
CA GLY A 232 -13.00 20.30 17.15
C GLY A 232 -12.55 19.81 15.79
N GLU A 233 -11.58 18.89 15.73
CA GLU A 233 -11.20 18.34 14.42
C GLU A 233 -12.11 17.18 14.01
N ILE A 234 -12.36 16.24 14.93
CA ILE A 234 -13.29 15.14 14.71
C ILE A 234 -14.20 15.00 15.92
N THR A 235 -15.37 14.40 15.71
CA THR A 235 -16.23 14.13 16.86
C THR A 235 -16.09 12.68 17.30
N PRO A 236 -16.56 12.34 18.51
CA PRO A 236 -16.45 10.93 18.96
C PRO A 236 -17.01 9.91 17.97
N ASP A 237 -18.12 10.24 17.28
CA ASP A 237 -18.72 9.30 16.35
C ASP A 237 -17.92 9.13 15.06
N GLU A 238 -16.90 9.97 14.82
CA GLU A 238 -15.97 9.76 13.70
C GLU A 238 -14.80 8.86 14.06
N ALA A 239 -14.49 8.74 15.35
CA ALA A 239 -13.25 8.04 15.71
C ALA A 239 -13.27 6.56 15.32
N PRO A 240 -14.35 5.81 15.52
CA PRO A 240 -14.34 4.40 15.11
C PRO A 240 -14.02 4.20 13.64
N LEU A 241 -14.56 5.04 12.74
CA LEU A 241 -14.25 4.82 11.34
C LEU A 241 -12.81 5.22 11.00
N LEU A 242 -12.20 6.13 11.76
CA LEU A 242 -10.78 6.41 11.52
C LEU A 242 -9.88 5.32 12.08
N VAL A 243 -10.25 4.72 13.22
CA VAL A 243 -9.56 3.49 13.61
C VAL A 243 -9.71 2.44 12.50
N ARG A 244 -10.92 2.33 11.94
CA ARG A 244 -11.13 1.39 10.86
C ARG A 244 -10.16 1.64 9.69
N SER A 245 -9.88 2.90 9.38
CA SER A 245 -8.92 3.21 8.33
C SER A 245 -7.57 2.57 8.60
N LEU A 246 -7.08 2.67 9.85
CA LEU A 246 -5.77 2.11 10.16
C LEU A 246 -5.82 0.59 10.19
N LEU A 247 -6.93 0.02 10.65
CA LEU A 247 -7.02 -1.44 10.65
C LEU A 247 -7.22 -1.98 9.24
N SER A 248 -7.67 -1.13 8.32
CA SER A 248 -7.80 -1.55 6.93
C SER A 248 -6.46 -1.48 6.21
N ALA A 249 -5.72 -0.39 6.46
CA ALA A 249 -4.54 -0.05 5.66
C ALA A 249 -3.22 -0.47 6.28
N GLY A 250 -3.11 -0.48 7.61
CA GLY A 250 -1.77 -0.37 8.16
C GLY A 250 -0.98 -1.65 8.23
N LEU A 251 -1.59 -2.81 7.96
CA LEU A 251 -0.90 -4.09 8.07
C LEU A 251 -0.53 -4.68 6.71
N ASP A 252 -1.51 -4.87 5.82
CA ASP A 252 -1.25 -5.55 4.57
C ASP A 252 -0.36 -4.72 3.65
N THR A 253 -0.43 -3.39 3.73
CA THR A 253 0.50 -2.56 2.97
C THR A 253 1.94 -2.88 3.33
N THR A 254 2.25 -2.91 4.64
CA THR A 254 3.63 -3.16 5.07
C THR A 254 4.06 -4.60 4.76
N VAL A 255 3.14 -5.57 4.83
CA VAL A 255 3.43 -6.93 4.41
C VAL A 255 3.96 -6.92 2.98
N ASN A 256 3.24 -6.25 2.10
CA ASN A 256 3.68 -6.26 0.70
C ASN A 256 4.82 -5.29 0.42
N GLY A 257 5.04 -4.26 1.23
CA GLY A 257 6.22 -3.43 1.05
C GLY A 257 7.46 -4.16 1.50
N ILE A 258 7.41 -4.78 2.67
CA ILE A 258 8.57 -5.55 3.14
C ILE A 258 8.81 -6.74 2.23
N GLY A 259 7.75 -7.45 1.84
CA GLY A 259 7.91 -8.55 0.88
C GLY A 259 8.56 -8.10 -0.41
N ALA A 260 8.12 -6.94 -0.94
CA ALA A 260 8.74 -6.40 -2.15
C ALA A 260 10.23 -6.20 -1.95
N ALA A 261 10.63 -5.59 -0.82
CA ALA A 261 12.04 -5.31 -0.58
C ALA A 261 12.85 -6.59 -0.49
N VAL A 262 12.35 -7.59 0.27
CA VAL A 262 13.08 -8.85 0.38
C VAL A 262 13.17 -9.54 -0.98
N TYR A 263 12.08 -9.52 -1.75
CA TYR A 263 12.12 -10.15 -3.06
C TYR A 263 13.15 -9.45 -3.95
N CYS A 264 13.21 -8.13 -3.88
CA CYS A 264 14.22 -7.38 -4.63
C CYS A 264 15.62 -7.81 -4.21
N LEU A 265 15.86 -7.89 -2.90
CA LEU A 265 17.22 -8.25 -2.45
C LEU A 265 17.57 -9.67 -2.85
N ALA A 266 16.57 -10.56 -2.90
CA ALA A 266 16.79 -11.95 -3.28
C ALA A 266 17.14 -12.07 -4.75
N ARG A 267 16.53 -11.23 -5.59
CA ARG A 267 16.80 -11.25 -7.01
C ARG A 267 18.01 -10.44 -7.43
N PHE A 268 18.50 -9.54 -6.60
CA PHE A 268 19.58 -8.63 -6.98
C PHE A 268 20.66 -8.68 -5.91
N PRO A 269 21.46 -9.76 -5.87
CA PRO A 269 22.44 -9.92 -4.79
C PRO A 269 23.47 -8.81 -4.75
N GLY A 270 23.77 -8.23 -5.90
CA GLY A 270 24.69 -7.09 -5.92
C GLY A 270 24.21 -5.95 -5.04
N GLU A 271 22.90 -5.72 -5.02
CA GLU A 271 22.31 -4.68 -4.16
C GLU A 271 22.25 -5.10 -2.69
N LEU A 272 22.02 -6.38 -2.40
CA LEU A 272 22.18 -6.84 -1.03
C LEU A 272 23.60 -6.58 -0.55
N GLN A 273 24.59 -6.84 -1.40
CA GLN A 273 25.97 -6.64 -1.00
CA GLN A 273 25.96 -6.64 -0.99
C GLN A 273 26.26 -5.17 -0.75
N ARG A 274 25.70 -4.27 -1.56
CA ARG A 274 25.87 -2.84 -1.29
C ARG A 274 25.18 -2.47 0.01
N LEU A 275 24.01 -3.03 0.29
CA LEU A 275 23.30 -2.71 1.53
C LEU A 275 24.07 -3.21 2.74
N ARG A 276 24.66 -4.42 2.66
CA ARG A 276 25.48 -4.92 3.76
C ARG A 276 26.64 -3.97 4.06
N SER A 277 27.26 -3.43 3.01
CA SER A 277 28.44 -2.58 3.22
C SER A 277 28.09 -1.21 3.79
N ASP A 278 26.84 -0.76 3.65
CA ASP A 278 26.42 0.49 4.27
C ASP A 278 24.98 0.36 4.71
N PRO A 279 24.75 -0.14 5.93
CA PRO A 279 23.37 -0.32 6.43
C PRO A 279 22.58 0.96 6.51
N THR A 280 23.23 2.13 6.43
CA THR A 280 22.41 3.34 6.43
C THR A 280 21.67 3.53 5.11
N LEU A 281 21.97 2.72 4.08
CA LEU A 281 21.15 2.67 2.86
C LEU A 281 19.79 1.98 3.05
N ALA A 282 19.47 1.47 4.25
CA ALA A 282 18.25 0.66 4.45
C ALA A 282 17.00 1.45 4.07
N ARG A 283 16.90 2.69 4.52
CA ARG A 283 15.69 3.45 4.23
C ARG A 283 15.51 3.66 2.72
N ASN A 284 16.58 4.01 2.00
CA ASN A 284 16.42 4.21 0.56
C ASN A 284 16.25 2.88 -0.17
N ALA A 285 16.81 1.80 0.38
CA ALA A 285 16.60 0.49 -0.25
C ALA A 285 15.13 0.11 -0.17
N PHE A 286 14.47 0.42 0.95
CA PHE A 286 13.03 0.18 1.04
C PHE A 286 12.26 1.10 0.11
N GLU A 287 12.64 2.37 0.04
CA GLU A 287 11.92 3.29 -0.83
C GLU A 287 12.01 2.84 -2.29
N GLU A 288 13.20 2.42 -2.73
CA GLU A 288 13.34 1.93 -4.10
C GLU A 288 12.52 0.66 -4.32
N ALA A 289 12.40 -0.18 -3.30
CA ALA A 289 11.55 -1.36 -3.44
C ALA A 289 10.09 -0.96 -3.62
N VAL A 290 9.66 0.09 -2.92
CA VAL A 290 8.30 0.60 -3.13
C VAL A 290 8.13 1.12 -4.55
N ARG A 291 9.13 1.83 -5.09
CA ARG A 291 8.99 2.27 -6.48
C ARG A 291 8.98 1.07 -7.42
N PHE A 292 9.97 0.18 -7.24
CA PHE A 292 10.23 -0.90 -8.20
C PHE A 292 9.08 -1.89 -8.27
N GLU A 293 8.54 -2.30 -7.11
CA GLU A 293 7.42 -3.24 -7.14
C GLU A 293 6.08 -2.52 -7.11
N SER A 294 5.99 -1.36 -6.48
CA SER A 294 4.73 -0.63 -6.34
C SER A 294 3.63 -1.55 -5.78
N PRO A 295 3.81 -2.03 -4.55
CA PRO A 295 2.84 -2.97 -3.95
C PRO A 295 1.41 -2.47 -3.98
N VAL A 296 1.20 -1.16 -3.92
CA VAL A 296 -0.12 -0.60 -4.16
C VAL A 296 -0.13 -0.21 -5.64
N GLN A 297 -0.86 -0.99 -6.45
CA GLN A 297 -0.72 -0.87 -7.91
C GLN A 297 -1.58 0.24 -8.52
N THR A 298 -2.79 0.43 -8.03
CA THR A 298 -3.82 1.16 -8.77
C THR A 298 -4.73 1.85 -7.78
N PHE A 299 -5.19 3.04 -8.18
CA PHE A 299 -6.40 3.62 -7.57
C PHE A 299 -7.18 4.33 -8.67
N PHE A 300 -8.48 4.52 -8.42
CA PHE A 300 -9.34 5.30 -9.29
C PHE A 300 -9.63 6.69 -8.73
N ARG A 301 -10.03 7.59 -9.64
CA ARG A 301 -10.71 8.84 -9.32
C ARG A 301 -11.97 8.91 -10.18
N THR A 302 -12.84 9.88 -9.87
CA THR A 302 -14.04 10.12 -10.66
C THR A 302 -14.05 11.59 -11.09
N THR A 303 -14.26 11.86 -12.38
CA THR A 303 -14.27 13.26 -12.83
C THR A 303 -15.52 13.98 -12.34
N THR A 304 -15.33 15.22 -11.88
CA THR A 304 -16.45 16.04 -11.43
C THR A 304 -16.91 17.04 -12.49
N ARG A 305 -16.21 17.08 -13.64
CA ARG A 305 -16.55 17.92 -14.78
C ARG A 305 -15.90 17.33 -16.02
N GLU A 306 -16.32 17.84 -17.18
CA GLU A 306 -15.55 17.59 -18.39
C GLU A 306 -14.17 18.20 -18.21
N VAL A 307 -13.14 17.50 -18.70
CA VAL A 307 -11.74 17.88 -18.48
C VAL A 307 -10.92 17.40 -19.67
N GLU A 308 -9.89 18.20 -20.00
CA GLU A 308 -8.87 17.81 -20.95
C GLU A 308 -7.66 17.28 -20.18
N LEU A 309 -7.24 16.08 -20.53
CA LEU A 309 -6.09 15.45 -19.90
C LEU A 309 -5.25 14.84 -21.00
N GLY A 310 -3.97 15.20 -21.04
CA GLY A 310 -3.08 14.76 -22.09
C GLY A 310 -3.73 14.77 -23.46
N GLY A 311 -4.40 15.88 -23.80
CA GLY A 311 -4.98 16.04 -25.12
C GLY A 311 -6.32 15.39 -25.36
N ALA A 312 -6.81 14.56 -24.45
CA ALA A 312 -8.11 13.91 -24.61
C ALA A 312 -9.15 14.62 -23.74
N VAL A 313 -10.41 14.52 -24.14
CA VAL A 313 -11.51 15.11 -23.39
C VAL A 313 -12.26 14.00 -22.69
N ILE A 314 -12.34 14.11 -21.36
CA ILE A 314 -13.04 13.15 -20.52
C ILE A 314 -14.28 13.85 -19.97
N GLY A 315 -15.45 13.21 -20.13
CA GLY A 315 -16.68 13.79 -19.62
C GLY A 315 -16.76 13.74 -18.10
N GLU A 316 -17.82 14.39 -17.57
CA GLU A 316 -18.14 14.35 -16.15
C GLU A 316 -18.60 12.96 -15.73
N GLY A 317 -18.28 12.60 -14.49
CA GLY A 317 -18.81 11.37 -13.91
C GLY A 317 -18.15 10.12 -14.44
N GLU A 318 -16.90 10.22 -14.90
CA GLU A 318 -16.18 9.10 -15.51
C GLU A 318 -15.14 8.60 -14.53
N LYS A 319 -14.97 7.28 -14.47
CA LYS A 319 -13.91 6.71 -13.65
C LYS A 319 -12.58 6.77 -14.39
N VAL A 320 -11.52 7.12 -13.66
CA VAL A 320 -10.17 7.17 -14.23
C VAL A 320 -9.28 6.26 -13.39
N LEU A 321 -8.66 5.29 -14.03
CA LEU A 321 -7.78 4.33 -13.35
C LEU A 321 -6.34 4.78 -13.51
N MET A 322 -5.67 5.05 -12.37
CA MET A 322 -4.26 5.44 -12.35
C MET A 322 -3.40 4.21 -12.11
N PHE A 323 -2.43 3.96 -12.99
CA PHE A 323 -1.51 2.85 -12.81
C PHE A 323 -0.25 3.39 -12.12
N LEU A 324 -0.28 3.39 -10.77
CA LEU A 324 0.89 3.84 -9.99
C LEU A 324 2.15 3.07 -10.35
N GLY A 325 2.07 1.74 -10.44
CA GLY A 325 3.27 0.95 -10.70
C GLY A 325 3.85 1.19 -12.09
N SER A 326 2.98 1.41 -13.07
CA SER A 326 3.41 1.79 -14.42
C SER A 326 4.07 3.15 -14.42
N ALA A 327 3.47 4.10 -13.69
CA ALA A 327 4.08 5.43 -13.58
C ALA A 327 5.46 5.33 -12.97
N ASN A 328 5.66 4.37 -12.07
CA ASN A 328 6.94 4.22 -11.39
C ASN A 328 7.96 3.48 -12.22
N ARG A 329 7.57 2.99 -13.40
CA ARG A 329 8.52 2.38 -14.33
C ARG A 329 8.53 3.07 -15.67
N ASP A 330 7.92 4.25 -15.77
CA ASP A 330 7.82 4.97 -17.04
C ASP A 330 9.20 5.47 -17.46
N PRO A 331 9.73 5.03 -18.60
CA PRO A 331 11.05 5.53 -19.03
C PRO A 331 11.03 6.98 -19.42
N ARG A 332 9.85 7.58 -19.62
CA ARG A 332 9.81 9.03 -19.84
C ARG A 332 10.24 9.79 -18.60
N ARG A 333 10.17 9.14 -17.42
CA ARG A 333 10.47 9.77 -16.15
C ARG A 333 11.72 9.22 -15.49
N TRP A 334 12.00 7.92 -15.66
CA TRP A 334 13.04 7.23 -14.91
C TRP A 334 14.11 6.70 -15.85
N SER A 335 15.38 6.88 -15.46
CA SER A 335 16.47 6.15 -16.10
C SER A 335 16.51 4.72 -15.59
N ASP A 336 16.71 3.77 -16.50
CA ASP A 336 16.78 2.34 -16.19
C ASP A 336 15.65 1.98 -15.22
N PRO A 337 14.39 2.17 -15.62
CA PRO A 337 13.29 2.01 -14.65
C PRO A 337 13.16 0.61 -14.13
N ASP A 338 13.63 -0.39 -14.90
CA ASP A 338 13.46 -1.78 -14.52
C ASP A 338 14.64 -2.32 -13.75
N LEU A 339 15.53 -1.45 -13.29
CA LEU A 339 16.62 -1.84 -12.41
C LEU A 339 16.30 -1.44 -10.98
N TYR A 340 16.54 -2.37 -10.06
CA TYR A 340 16.49 -2.09 -8.62
C TYR A 340 17.82 -1.46 -8.19
N ASP A 341 17.80 -0.20 -7.73
CA ASP A 341 19.02 0.56 -7.47
C ASP A 341 18.86 1.25 -6.13
N ILE A 342 19.53 0.71 -5.10
CA ILE A 342 19.27 1.19 -3.73
C ILE A 342 19.87 2.57 -3.47
N THR A 343 20.69 3.11 -4.38
CA THR A 343 21.12 4.50 -4.26
C THR A 343 20.44 5.43 -5.27
N ARG A 344 19.34 4.97 -5.89
CA ARG A 344 18.57 5.81 -6.81
C ARG A 344 17.96 7.01 -6.08
N LYS A 345 17.93 8.17 -6.75
CA LYS A 345 17.13 9.28 -6.27
C LYS A 345 15.66 8.96 -6.54
N THR A 346 14.94 8.51 -5.51
CA THR A 346 13.57 8.02 -5.69
C THR A 346 12.52 9.11 -5.49
N SER A 347 12.93 10.30 -5.05
N SER A 347 12.93 10.30 -5.04
CA SER A 347 11.96 11.35 -4.75
CA SER A 347 11.97 11.36 -4.78
C SER A 347 11.10 11.62 -5.98
C SER A 347 11.09 11.59 -6.00
N GLY A 348 9.78 11.68 -5.77
CA GLY A 348 8.84 11.85 -6.85
C GLY A 348 8.14 10.58 -7.28
N HIS A 349 8.60 9.41 -6.86
CA HIS A 349 7.82 8.23 -7.19
C HIS A 349 6.43 8.37 -6.60
N VAL A 350 5.47 7.63 -7.17
CA VAL A 350 4.07 7.76 -6.75
C VAL A 350 3.59 6.48 -6.04
N GLY A 351 4.51 5.70 -5.48
CA GLY A 351 4.11 4.47 -4.78
C GLY A 351 3.31 4.72 -3.50
N PHE A 352 3.49 5.89 -2.90
CA PHE A 352 2.71 6.36 -1.75
C PHE A 352 1.68 7.41 -2.16
N GLY A 353 1.40 7.56 -3.44
CA GLY A 353 0.53 8.63 -3.87
C GLY A 353 1.27 9.96 -4.02
N SER A 354 0.47 11.01 -4.19
CA SER A 354 0.98 12.36 -4.38
C SER A 354 -0.16 13.33 -4.08
N GLY A 355 0.16 14.42 -3.40
CA GLY A 355 -0.86 15.42 -3.17
C GLY A 355 -1.62 15.26 -1.87
N VAL A 356 -2.89 15.67 -1.85
CA VAL A 356 -3.55 15.79 -0.56
C VAL A 356 -3.84 14.45 0.10
N HIS A 357 -3.88 13.36 -0.65
CA HIS A 357 -4.15 12.04 -0.10
C HIS A 357 -2.89 11.19 0.03
N MET A 358 -1.71 11.80 -0.16
N MET A 358 -1.70 11.79 -0.16
CA MET A 358 -0.47 11.04 -0.08
CA MET A 358 -0.47 11.01 -0.15
C MET A 358 -0.43 10.25 1.22
C MET A 358 -0.28 10.31 1.19
N CYS A 359 0.05 9.00 1.13
CA CYS A 359 -0.05 8.09 2.27
C CYS A 359 0.21 8.72 3.64
N VAL A 360 -0.82 8.85 4.47
CA VAL A 360 -0.58 9.43 5.80
C VAL A 360 0.12 8.45 6.73
N GLY A 361 0.15 7.18 6.38
CA GLY A 361 0.89 6.19 7.13
C GLY A 361 2.31 5.96 6.66
N GLN A 362 2.84 6.80 5.76
CA GLN A 362 4.13 6.47 5.15
C GLN A 362 5.26 6.43 6.17
N LEU A 363 5.15 7.18 7.28
CA LEU A 363 6.24 7.10 8.27
C LEU A 363 6.24 5.75 9.00
N VAL A 364 5.07 5.18 9.26
CA VAL A 364 5.03 3.82 9.81
C VAL A 364 5.63 2.83 8.82
N ALA A 365 5.17 2.89 7.56
CA ALA A 365 5.66 2.00 6.51
C ALA A 365 7.17 2.06 6.38
N ARG A 366 7.72 3.26 6.27
CA ARG A 366 9.17 3.45 6.13
C ARG A 366 9.92 3.00 7.38
N LEU A 367 9.37 3.25 8.58
CA LEU A 367 10.03 2.79 9.80
C LEU A 367 10.18 1.27 9.80
N GLU A 368 9.09 0.56 9.54
CA GLU A 368 9.11 -0.89 9.50
C GLU A 368 10.08 -1.41 8.45
N GLY A 369 10.01 -0.84 7.24
CA GLY A 369 10.88 -1.27 6.16
C GLY A 369 12.33 -1.01 6.47
N GLU A 370 12.62 0.20 7.02
CA GLU A 370 13.99 0.54 7.36
C GLU A 370 14.56 -0.42 8.39
N VAL A 371 13.85 -0.61 9.51
CA VAL A 371 14.44 -1.41 10.58
C VAL A 371 14.57 -2.87 10.15
N MET A 372 13.65 -3.36 9.31
CA MET A 372 13.82 -4.72 8.82
C MET A 372 15.05 -4.84 7.90
N LEU A 373 15.20 -3.89 6.96
CA LEU A 373 16.33 -3.98 6.05
C LEU A 373 17.64 -3.73 6.78
N SER A 374 17.62 -2.91 7.84
CA SER A 374 18.81 -2.73 8.67
C SER A 374 19.23 -4.04 9.32
N ALA A 375 18.25 -4.75 9.90
CA ALA A 375 18.52 -6.06 10.49
C ALA A 375 19.10 -7.03 9.46
N LEU A 376 18.54 -7.07 8.25
CA LEU A 376 19.09 -7.94 7.22
C LEU A 376 20.51 -7.51 6.87
N ALA A 377 20.71 -6.20 6.67
CA ALA A 377 22.02 -5.71 6.27
C ALA A 377 23.08 -6.11 7.27
N ARG A 378 22.75 -6.09 8.56
CA ARG A 378 23.75 -6.35 9.59
C ARG A 378 23.93 -7.84 9.88
N LYS A 379 22.91 -8.67 9.62
CA LYS A 379 22.92 -10.06 10.08
C LYS A 379 23.01 -11.11 8.97
N VAL A 380 22.72 -10.77 7.71
CA VAL A 380 22.58 -11.75 6.65
C VAL A 380 23.62 -11.51 5.57
N ALA A 381 24.28 -12.59 5.14
CA ALA A 381 25.26 -12.51 4.07
C ALA A 381 24.69 -12.82 2.70
N ALA A 382 23.66 -13.65 2.62
CA ALA A 382 23.07 -14.01 1.34
C ALA A 382 21.62 -14.39 1.56
N ILE A 383 20.82 -14.12 0.54
CA ILE A 383 19.40 -14.48 0.45
C ILE A 383 19.22 -15.19 -0.88
N ASP A 384 19.01 -16.50 -0.84
CA ASP A 384 18.92 -17.30 -2.06
C ASP A 384 17.54 -17.93 -2.14
N ILE A 385 16.84 -17.69 -3.25
CA ILE A 385 15.56 -18.36 -3.47
C ILE A 385 15.82 -19.86 -3.60
N ASP A 386 15.07 -20.66 -2.85
CA ASP A 386 15.39 -22.09 -2.82
C ASP A 386 14.15 -22.96 -2.85
N GLY A 387 13.09 -22.47 -3.51
CA GLY A 387 11.82 -23.16 -3.62
C GLY A 387 10.95 -22.42 -4.62
N PRO A 388 9.80 -23.01 -4.97
CA PRO A 388 8.93 -22.37 -5.96
C PRO A 388 8.35 -21.06 -5.41
N VAL A 389 8.43 -20.01 -6.22
CA VAL A 389 7.84 -18.72 -5.88
C VAL A 389 6.38 -18.74 -6.34
N LYS A 390 5.48 -18.30 -5.46
CA LYS A 390 4.05 -18.29 -5.75
C LYS A 390 3.53 -16.88 -5.55
N ARG A 391 2.79 -16.38 -6.55
CA ARG A 391 2.27 -15.04 -6.48
C ARG A 391 0.92 -15.03 -5.79
N ARG A 392 0.62 -13.94 -5.09
CA ARG A 392 -0.67 -13.72 -4.45
C ARG A 392 -1.46 -12.76 -5.32
N PHE A 393 -2.71 -13.11 -5.65
CA PHE A 393 -3.52 -12.30 -6.55
C PHE A 393 -4.53 -11.47 -5.77
N ASN A 394 -4.56 -10.17 -6.07
CA ASN A 394 -5.40 -9.21 -5.37
C ASN A 394 -5.63 -8.06 -6.32
N ASN A 395 -6.85 -7.51 -6.30
CA ASN A 395 -7.21 -6.49 -7.26
C ASN A 395 -6.44 -5.20 -7.10
N THR A 396 -5.85 -4.93 -5.92
CA THR A 396 -5.11 -3.70 -5.71
C THR A 396 -3.64 -3.93 -5.36
N LEU A 397 -3.34 -4.99 -4.60
CA LEU A 397 -1.99 -5.25 -4.09
C LEU A 397 -1.21 -6.19 -5.00
N ARG A 398 0.06 -5.86 -5.23
CA ARG A 398 1.01 -6.74 -5.90
C ARG A 398 1.97 -7.33 -4.88
N GLY A 399 2.09 -8.65 -4.87
CA GLY A 399 2.99 -9.27 -3.93
C GLY A 399 2.91 -10.77 -4.02
N LEU A 400 3.69 -11.43 -3.17
CA LEU A 400 3.84 -12.87 -3.26
C LEU A 400 3.06 -13.58 -2.16
N GLU A 401 2.64 -14.81 -2.49
CA GLU A 401 2.06 -15.73 -1.51
C GLU A 401 3.14 -16.48 -0.76
N SER A 402 4.20 -16.87 -1.47
CA SER A 402 5.23 -17.68 -0.84
C SER A 402 6.57 -17.38 -1.50
N LEU A 403 7.60 -17.16 -0.69
CA LEU A 403 8.92 -16.83 -1.19
C LEU A 403 9.94 -17.63 -0.39
N PRO A 404 10.23 -18.86 -0.82
CA PRO A 404 11.17 -19.72 -0.08
C PRO A 404 12.59 -19.24 -0.31
N VAL A 405 13.30 -18.96 0.78
CA VAL A 405 14.68 -18.49 0.74
C VAL A 405 15.49 -19.20 1.80
N LYS A 406 16.75 -19.42 1.47
CA LYS A 406 17.78 -19.72 2.44
C LYS A 406 18.48 -18.42 2.81
N LEU A 407 18.55 -18.14 4.11
CA LEU A 407 19.32 -17.02 4.66
C LEU A 407 20.67 -17.56 5.14
N THR A 408 21.75 -16.97 4.65
CA THR A 408 23.08 -17.30 5.16
C THR A 408 23.50 -16.26 6.17
N PRO A 409 23.90 -16.66 7.37
CA PRO A 409 24.33 -15.67 8.36
C PRO A 409 25.64 -14.99 7.97
N ALA A 410 25.74 -13.72 8.34
CA ALA A 410 26.95 -12.94 8.11
C ALA A 410 28.07 -13.45 9.00
#